data_8A2C
#
_entry.id   8A2C
#
_cell.length_a   46.038
_cell.length_b   110.002
_cell.length_c   47.962
_cell.angle_alpha   90.000
_cell.angle_beta   95.740
_cell.angle_gamma   90.000
#
_symmetry.space_group_name_H-M   'P 1 21 1'
#
loop_
_entity.id
_entity.type
_entity.pdbx_description
1 polymer 'PET40 S178A'
2 non-polymer '4-(2-HYDROXYETHYL)-1-PIPERAZINE ETHANESULFONIC ACID'
3 non-polymer 1,2-ETHANEDIOL
4 non-polymer 'CHLORIDE ION'
5 non-polymer 'MAGNESIUM ION'
6 water water
#
_entity_poly.entity_id   1
_entity_poly.type   'polypeptide(L)'
_entity_poly.pdbx_seq_one_letter_code
;MAENPYERGPAPTTSSIEASRGSFATSTVTVSRLAVSGFGGGTIYYPTSTTAGTFGAISIAPGFTALQSSIAWLGPRLAS
QGFVVFTIDTLTTSDQPDSRGRQLLAALDYLTQQSSVRSRIDSSRLGVVGHAMGGGGTLEAARSRPSLQAAIPLTGWNLT
KTWSTVRVPTLVVGAQADTVAPVASHSIPFYNSLPSSLDKAYLELRGASHFAPNSSNTTIAKYTLSWLKRFIDNDTRYEQ
FLCPIPSTSLSISDYRGNCPHNGVDKLAAAL(UNK)HHHHHH
;
_entity_poly.pdbx_strand_id   A,B
#
loop_
_chem_comp.id
_chem_comp.type
_chem_comp.name
_chem_comp.formula
CL non-polymer 'CHLORIDE ION' 'Cl -1'
EDO non-polymer 1,2-ETHANEDIOL 'C2 H6 O2'
EPE non-polymer '4-(2-HYDROXYETHYL)-1-PIPERAZINE ETHANESULFONIC ACID' 'C8 H18 N2 O4 S'
MG non-polymer 'MAGNESIUM ION' 'Mg 2'
#
# COMPACT_ATOMS: atom_id res chain seq x y z
N ALA A 2 9.04 -10.22 27.20
CA ALA A 2 10.05 -11.01 26.47
C ALA A 2 10.93 -10.07 25.64
N GLU A 3 12.05 -10.58 25.16
CA GLU A 3 13.01 -9.83 24.34
C GLU A 3 12.25 -9.27 23.13
N ASN A 4 11.46 -10.11 22.48
CA ASN A 4 10.66 -9.70 21.34
C ASN A 4 9.33 -9.18 21.84
N PRO A 5 9.00 -7.89 21.68
CA PRO A 5 7.74 -7.38 22.24
C PRO A 5 6.50 -7.98 21.60
N TYR A 6 6.63 -8.61 20.45
CA TYR A 6 5.50 -9.16 19.70
C TYR A 6 5.33 -10.67 19.90
N GLU A 7 6.20 -11.29 20.69
CA GLU A 7 6.12 -12.74 20.89
C GLU A 7 4.89 -13.09 21.71
N ARG A 8 4.12 -14.06 21.23
CA ARG A 8 2.91 -14.51 21.90
C ARG A 8 2.89 -16.02 22.00
N GLY A 9 2.41 -16.53 23.14
CA GLY A 9 2.19 -17.95 23.28
C GLY A 9 3.44 -18.72 23.66
N PRO A 10 3.25 -19.99 23.95
CA PRO A 10 4.38 -20.82 24.42
C PRO A 10 5.34 -21.16 23.28
N ALA A 11 6.52 -21.60 23.67
CA ALA A 11 7.53 -22.00 22.73
C ALA A 11 7.01 -23.12 21.84
N PRO A 12 7.22 -23.05 20.53
CA PRO A 12 6.60 -24.01 19.63
C PRO A 12 7.34 -25.32 19.53
N THR A 13 6.57 -26.35 19.22
CA THR A 13 7.07 -27.69 18.99
C THR A 13 6.35 -28.22 17.74
N THR A 14 6.87 -29.34 17.22
CA THR A 14 6.14 -30.04 16.17
C THR A 14 4.68 -30.24 16.55
N SER A 15 4.45 -30.70 17.78
CA SER A 15 3.07 -30.93 18.19
C SER A 15 2.26 -29.64 18.17
N SER A 16 2.83 -28.54 18.67
CA SER A 16 2.02 -27.33 18.83
C SER A 16 1.68 -26.71 17.49
N ILE A 17 2.59 -26.77 16.52
CA ILE A 17 2.28 -26.13 15.23
C ILE A 17 1.39 -26.99 14.35
N GLU A 18 1.27 -28.29 14.65
CA GLU A 18 0.39 -29.18 13.90
C GLU A 18 -0.98 -29.33 14.55
N ALA A 19 -1.15 -28.86 15.78
CA ALA A 19 -2.41 -29.04 16.48
C ALA A 19 -3.54 -28.24 15.81
N SER A 20 -4.77 -28.75 15.96
CA SER A 20 -5.91 -28.04 15.38
C SER A 20 -6.17 -26.72 16.12
N ARG A 21 -5.68 -26.57 17.35
CA ARG A 21 -5.80 -25.32 18.06
C ARG A 21 -4.50 -25.01 18.80
N GLY A 22 -4.21 -23.72 18.90
CA GLY A 22 -3.16 -23.24 19.77
C GLY A 22 -3.67 -23.03 21.17
N SER A 23 -2.89 -22.29 21.95
CA SER A 23 -3.13 -22.13 23.36
C SER A 23 -4.05 -20.96 23.72
N PHE A 24 -4.40 -20.10 22.76
CA PHE A 24 -5.26 -18.96 23.07
C PHE A 24 -6.72 -19.32 22.88
N ALA A 25 -7.54 -18.98 23.86
CA ALA A 25 -8.99 -19.02 23.66
C ALA A 25 -9.37 -18.02 22.58
N THR A 26 -10.40 -18.35 21.81
CA THR A 26 -10.85 -17.53 20.71
C THR A 26 -12.36 -17.33 20.77
N SER A 27 -12.79 -16.28 20.09
CA SER A 27 -14.19 -16.04 19.81
C SER A 27 -14.33 -15.51 18.39
N THR A 28 -15.59 -15.20 18.02
CA THR A 28 -15.86 -14.71 16.69
C THR A 28 -16.81 -13.53 16.74
N VAL A 29 -16.72 -12.69 15.72
CA VAL A 29 -17.68 -11.63 15.43
C VAL A 29 -18.07 -11.73 13.96
N THR A 30 -19.36 -11.61 13.67
CA THR A 30 -19.85 -11.59 12.30
C THR A 30 -19.96 -10.15 11.84
N VAL A 31 -19.40 -9.87 10.67
CA VAL A 31 -19.52 -8.57 10.01
C VAL A 31 -20.40 -8.72 8.78
N SER A 32 -21.57 -8.12 8.80
CA SER A 32 -22.51 -8.29 7.69
C SER A 32 -22.09 -7.47 6.47
N ARG A 33 -22.54 -7.95 5.29
CA ARG A 33 -22.35 -7.20 4.05
C ARG A 33 -22.82 -5.75 4.19
N LEU A 34 -23.97 -5.54 4.84
CA LEU A 34 -24.55 -4.20 4.90
C LEU A 34 -23.75 -3.26 5.79
N ALA A 35 -22.89 -3.75 6.66
CA ALA A 35 -22.17 -2.91 7.61
C ALA A 35 -20.87 -2.35 7.00
N VAL A 36 -20.49 -2.84 5.81
N VAL A 36 -20.51 -2.89 5.85
CA VAL A 36 -19.24 -2.36 5.13
CA VAL A 36 -19.22 -2.42 5.28
C VAL A 36 -19.48 -2.10 3.63
C VAL A 36 -19.40 -2.06 3.81
N SER A 37 -18.60 -1.34 2.98
N SER A 37 -18.45 -1.31 3.33
CA SER A 37 -18.74 -1.00 1.54
CA SER A 37 -18.33 -0.89 1.93
C SER A 37 -17.66 -1.52 0.57
C SER A 37 -16.89 -1.29 1.53
N GLY A 38 -16.40 -1.68 0.97
N GLY A 38 -16.69 -1.84 0.36
CA GLY A 38 -15.33 -2.14 0.07
CA GLY A 38 -15.32 -2.21 -0.03
C GLY A 38 -15.15 -3.65 -0.09
C GLY A 38 -15.13 -3.69 -0.13
N PHE A 39 -15.91 -4.46 0.62
CA PHE A 39 -15.78 -5.93 0.57
C PHE A 39 -17.09 -6.49 1.06
N GLY A 40 -17.32 -7.82 1.00
CA GLY A 40 -18.61 -8.47 1.20
C GLY A 40 -18.90 -8.91 2.61
N GLY A 41 -18.31 -8.27 3.61
CA GLY A 41 -18.44 -8.72 4.98
C GLY A 41 -17.54 -9.90 5.27
N GLY A 42 -17.71 -10.47 6.46
CA GLY A 42 -16.91 -11.62 6.83
C GLY A 42 -17.06 -12.00 8.29
N THR A 43 -16.10 -12.79 8.75
CA THR A 43 -16.08 -13.33 10.11
C THR A 43 -14.73 -13.05 10.73
N ILE A 44 -14.73 -12.41 11.91
CA ILE A 44 -13.51 -12.11 12.65
C ILE A 44 -13.32 -13.22 13.69
N TYR A 45 -12.19 -13.90 13.64
CA TYR A 45 -11.76 -14.84 14.68
C TYR A 45 -10.65 -14.15 15.47
N TYR A 46 -10.78 -14.07 16.78
CA TYR A 46 -9.80 -13.33 17.57
C TYR A 46 -9.51 -14.00 18.90
N PRO A 47 -8.28 -13.85 19.41
CA PRO A 47 -8.00 -14.27 20.79
C PRO A 47 -8.75 -13.40 21.76
N THR A 48 -9.38 -14.02 22.76
CA THR A 48 -10.12 -13.27 23.75
C THR A 48 -9.26 -12.66 24.84
N SER A 49 -8.06 -13.16 25.04
CA SER A 49 -7.21 -12.65 26.11
C SER A 49 -6.90 -11.18 25.89
N THR A 50 -6.94 -10.43 26.98
CA THR A 50 -6.56 -9.02 26.99
C THR A 50 -5.28 -8.78 27.76
N THR A 51 -4.62 -9.83 28.23
CA THR A 51 -3.43 -9.69 29.06
C THR A 51 -2.14 -10.06 28.34
N ALA A 52 -2.21 -10.46 27.08
CA ALA A 52 -1.03 -10.88 26.34
C ALA A 52 -0.44 -9.77 25.48
N GLY A 53 -1.09 -8.61 25.40
CA GLY A 53 -0.73 -7.57 24.45
C GLY A 53 -1.62 -7.59 23.22
N THR A 54 -1.32 -6.67 22.30
CA THR A 54 -2.02 -6.65 21.03
C THR A 54 -1.44 -7.70 20.09
N PHE A 55 -2.25 -8.11 19.12
CA PHE A 55 -1.90 -9.13 18.14
C PHE A 55 -1.80 -8.57 16.74
N GLY A 56 -1.01 -9.23 15.90
CA GLY A 56 -1.05 -8.99 14.48
C GLY A 56 -2.36 -9.55 13.91
N ALA A 57 -2.63 -9.23 12.65
CA ALA A 57 -3.89 -9.61 12.03
C ALA A 57 -3.74 -9.89 10.55
N ILE A 58 -4.65 -10.72 10.04
CA ILE A 58 -4.67 -11.05 8.62
C ILE A 58 -6.11 -11.02 8.12
N SER A 59 -6.25 -10.74 6.84
CA SER A 59 -7.49 -11.00 6.11
C SER A 59 -7.24 -12.15 5.16
N ILE A 60 -8.29 -12.93 4.92
CA ILE A 60 -8.20 -14.13 4.08
C ILE A 60 -9.32 -14.07 3.07
N ALA A 61 -8.98 -14.28 1.80
CA ALA A 61 -9.96 -14.17 0.72
C ALA A 61 -10.15 -15.52 0.02
N PRO A 62 -11.38 -15.83 -0.41
CA PRO A 62 -11.62 -17.04 -1.20
C PRO A 62 -11.40 -16.83 -2.69
N GLY A 63 -11.59 -17.87 -3.47
CA GLY A 63 -11.40 -17.82 -4.91
C GLY A 63 -12.69 -17.64 -5.70
N PHE A 64 -12.55 -17.75 -7.02
CA PHE A 64 -13.65 -17.52 -7.95
C PHE A 64 -14.86 -18.37 -7.61
N THR A 65 -16.02 -17.72 -7.53
CA THR A 65 -17.34 -18.28 -7.18
C THR A 65 -17.49 -18.64 -5.69
N ALA A 66 -16.39 -18.61 -4.94
CA ALA A 66 -16.37 -19.22 -3.62
C ALA A 66 -16.83 -18.27 -2.52
N LEU A 67 -17.36 -18.86 -1.47
CA LEU A 67 -17.77 -18.17 -0.25
C LEU A 67 -16.72 -18.31 0.86
N GLN A 68 -16.87 -17.51 1.91
CA GLN A 68 -15.89 -17.57 2.98
C GLN A 68 -15.89 -18.92 3.68
N SER A 69 -16.98 -19.68 3.59
CA SER A 69 -16.98 -21.01 4.18
C SER A 69 -15.87 -21.88 3.61
N SER A 70 -15.39 -21.58 2.41
CA SER A 70 -14.35 -22.39 1.80
C SER A 70 -12.99 -22.21 2.48
N ILE A 71 -12.81 -21.18 3.29
CA ILE A 71 -11.56 -20.89 3.97
C ILE A 71 -11.73 -20.77 5.47
N ALA A 72 -12.93 -21.04 5.97
CA ALA A 72 -13.25 -20.78 7.37
C ALA A 72 -12.38 -21.58 8.33
N TRP A 73 -11.96 -22.79 7.94
CA TRP A 73 -11.21 -23.62 8.87
C TRP A 73 -9.91 -22.96 9.30
N LEU A 74 -9.38 -22.04 8.51
CA LEU A 74 -8.17 -21.31 8.89
C LEU A 74 -8.41 -20.34 10.04
N GLY A 75 -9.65 -19.92 10.26
CA GLY A 75 -9.97 -18.94 11.28
C GLY A 75 -9.58 -19.35 12.68
N PRO A 76 -10.25 -20.37 13.22
CA PRO A 76 -9.90 -20.82 14.58
C PRO A 76 -8.51 -21.40 14.63
N ARG A 77 -8.06 -22.07 13.56
CA ARG A 77 -6.78 -22.75 13.61
C ARG A 77 -5.64 -21.76 13.76
N LEU A 78 -5.70 -20.63 13.05
CA LEU A 78 -4.66 -19.60 13.18
C LEU A 78 -4.92 -18.65 14.36
N ALA A 79 -6.16 -18.26 14.58
CA ALA A 79 -6.45 -17.28 15.62
C ALA A 79 -6.06 -17.79 17.00
N SER A 80 -6.27 -19.09 17.25
CA SER A 80 -5.92 -19.70 18.53
C SER A 80 -4.43 -19.80 18.76
N GLN A 81 -3.62 -19.50 17.74
CA GLN A 81 -2.17 -19.41 17.92
C GLN A 81 -1.71 -17.98 18.19
N GLY A 82 -2.64 -17.01 18.23
CA GLY A 82 -2.32 -15.64 18.57
C GLY A 82 -2.40 -14.64 17.43
N PHE A 83 -3.49 -14.65 16.68
CA PHE A 83 -3.70 -13.73 15.57
C PHE A 83 -5.17 -13.38 15.51
N VAL A 84 -5.46 -12.17 15.05
CA VAL A 84 -6.82 -11.85 14.60
C VAL A 84 -6.93 -12.23 13.13
N VAL A 85 -7.96 -13.01 12.79
CA VAL A 85 -8.11 -13.58 11.46
C VAL A 85 -9.48 -13.18 10.93
N PHE A 86 -9.51 -12.52 9.78
CA PHE A 86 -10.75 -11.99 9.17
C PHE A 86 -10.96 -12.73 7.84
N THR A 87 -11.84 -13.73 7.86
CA THR A 87 -12.23 -14.44 6.62
C THR A 87 -13.33 -13.63 5.95
N ILE A 88 -13.13 -13.23 4.71
CA ILE A 88 -14.07 -12.33 4.06
C ILE A 88 -14.82 -13.00 2.93
N ASP A 89 -16.02 -12.48 2.65
CA ASP A 89 -16.70 -12.66 1.38
C ASP A 89 -16.37 -11.46 0.48
N THR A 90 -16.37 -11.69 -0.82
CA THR A 90 -16.12 -10.64 -1.79
C THR A 90 -17.43 -9.99 -2.22
N LEU A 91 -17.30 -8.80 -2.81
CA LEU A 91 -18.47 -8.05 -3.24
C LEU A 91 -19.34 -8.87 -4.18
N THR A 92 -18.72 -9.58 -5.12
CA THR A 92 -19.43 -10.55 -5.95
C THR A 92 -18.56 -11.79 -6.02
N THR A 93 -19.19 -12.93 -6.28
CA THR A 93 -18.42 -14.16 -6.38
C THR A 93 -17.57 -14.22 -7.63
N SER A 94 -17.82 -13.34 -8.62
CA SER A 94 -17.07 -13.34 -9.87
C SER A 94 -15.92 -12.36 -9.88
N ASP A 95 -15.60 -11.73 -8.75
CA ASP A 95 -14.54 -10.74 -8.72
C ASP A 95 -13.21 -11.35 -9.13
N GLN A 96 -12.42 -10.57 -9.86
CA GLN A 96 -11.12 -11.01 -10.37
C GLN A 96 -10.01 -10.73 -9.37
N PRO A 97 -8.78 -11.22 -9.63
CA PRO A 97 -7.70 -11.06 -8.64
C PRO A 97 -7.41 -9.62 -8.20
N ASP A 98 -7.39 -8.66 -9.15
CA ASP A 98 -7.10 -7.29 -8.74
C ASP A 98 -8.18 -6.79 -7.75
N SER A 99 -9.43 -7.10 -8.00
CA SER A 99 -10.53 -6.69 -7.13
C SER A 99 -10.40 -7.40 -5.77
N ARG A 100 -10.01 -8.67 -5.76
CA ARG A 100 -9.88 -9.42 -4.48
C ARG A 100 -8.73 -8.79 -3.66
N GLY A 101 -7.69 -8.35 -4.34
CA GLY A 101 -6.56 -7.71 -3.66
C GLY A 101 -6.99 -6.46 -2.95
N ARG A 102 -7.75 -5.62 -3.65
CA ARG A 102 -8.25 -4.39 -3.02
C ARG A 102 -9.16 -4.68 -1.84
N GLN A 103 -9.89 -5.81 -1.89
CA GLN A 103 -10.91 -6.13 -0.87
C GLN A 103 -10.15 -6.67 0.34
N LEU A 104 -9.07 -7.42 0.12
CA LEU A 104 -8.22 -7.82 1.22
C LEU A 104 -7.73 -6.61 2.01
N LEU A 105 -7.34 -5.55 1.30
CA LEU A 105 -6.85 -4.34 1.94
C LEU A 105 -7.98 -3.56 2.59
N ALA A 106 -9.14 -3.48 1.93
CA ALA A 106 -10.28 -2.80 2.53
C ALA A 106 -10.72 -3.51 3.80
N ALA A 107 -10.61 -4.83 3.83
CA ALA A 107 -10.98 -5.58 5.02
C ALA A 107 -10.02 -5.32 6.15
N LEU A 108 -8.72 -5.25 5.87
CA LEU A 108 -7.75 -4.92 6.91
C LEU A 108 -7.97 -3.52 7.47
N ASP A 109 -8.30 -2.56 6.61
CA ASP A 109 -8.58 -1.21 7.09
C ASP A 109 -9.84 -1.17 7.95
N TYR A 110 -10.90 -1.90 7.58
CA TYR A 110 -12.04 -1.99 8.46
C TYR A 110 -11.66 -2.61 9.79
N LEU A 111 -10.90 -3.72 9.74
N LEU A 111 -10.88 -3.69 9.75
CA LEU A 111 -10.48 -4.41 10.95
CA LEU A 111 -10.50 -4.40 10.95
C LEU A 111 -9.80 -3.45 11.92
C LEU A 111 -9.76 -3.49 11.92
N THR A 112 -8.79 -2.72 11.44
CA THR A 112 -7.95 -1.92 12.31
C THR A 112 -8.52 -0.54 12.61
N GLN A 113 -9.43 -0.02 11.80
CA GLN A 113 -9.92 1.33 11.98
C GLN A 113 -11.33 1.42 12.53
N GLN A 114 -12.17 0.41 12.28
CA GLN A 114 -13.58 0.53 12.62
C GLN A 114 -14.16 -0.65 13.38
N SER A 115 -13.56 -1.84 13.31
CA SER A 115 -14.20 -3.04 13.83
C SER A 115 -14.25 -3.03 15.36
N SER A 116 -15.06 -3.97 15.88
CA SER A 116 -15.24 -4.12 17.32
C SER A 116 -14.03 -4.73 18.04
N VAL A 117 -13.00 -5.16 17.33
CA VAL A 117 -11.80 -5.70 17.96
C VAL A 117 -10.57 -4.86 17.61
N ARG A 118 -10.78 -3.64 17.09
CA ARG A 118 -9.62 -2.88 16.61
C ARG A 118 -8.59 -2.64 17.71
N SER A 119 -9.04 -2.49 18.96
CA SER A 119 -8.11 -2.24 20.07
C SER A 119 -7.25 -3.45 20.40
N ARG A 120 -7.58 -4.62 19.90
CA ARG A 120 -6.81 -5.83 20.17
C ARG A 120 -5.72 -6.05 19.13
N ILE A 121 -5.61 -5.17 18.14
CA ILE A 121 -4.74 -5.35 16.99
C ILE A 121 -3.64 -4.29 16.97
N ASP A 122 -2.43 -4.73 16.64
CA ASP A 122 -1.32 -3.83 16.30
C ASP A 122 -1.42 -3.57 14.80
N SER A 123 -1.91 -2.37 14.46
CA SER A 123 -2.21 -2.08 13.06
C SER A 123 -0.97 -1.96 12.17
N SER A 124 0.23 -1.95 12.75
CA SER A 124 1.46 -1.99 11.98
C SER A 124 1.93 -3.39 11.61
N ARG A 125 1.23 -4.44 12.03
CA ARG A 125 1.66 -5.82 11.81
C ARG A 125 0.52 -6.64 11.20
N LEU A 126 0.43 -6.60 9.88
CA LEU A 126 -0.71 -7.16 9.15
C LEU A 126 -0.24 -8.03 8.00
N GLY A 127 -1.09 -9.00 7.63
CA GLY A 127 -0.78 -9.86 6.50
C GLY A 127 -2.03 -10.24 5.73
N VAL A 128 -1.81 -10.91 4.60
CA VAL A 128 -2.90 -11.34 3.72
C VAL A 128 -2.66 -12.79 3.30
N VAL A 129 -3.73 -13.56 3.31
CA VAL A 129 -3.77 -14.96 2.86
C VAL A 129 -4.93 -15.08 1.88
N GLY A 130 -4.81 -15.99 0.92
CA GLY A 130 -5.90 -16.15 -0.01
C GLY A 130 -5.83 -17.43 -0.82
N HIS A 131 -6.99 -17.94 -1.22
CA HIS A 131 -7.08 -19.16 -2.02
C HIS A 131 -7.44 -18.84 -3.46
N ALA A 132 -6.68 -19.42 -4.42
CA ALA A 132 -7.08 -19.42 -5.82
C ALA A 132 -7.06 -18.00 -6.35
N MET A 133 -8.13 -17.52 -6.98
CA MET A 133 -8.06 -16.10 -7.38
C MET A 133 -7.82 -15.18 -6.19
N GLY A 134 -8.24 -15.61 -4.98
CA GLY A 134 -7.93 -14.82 -3.78
C GLY A 134 -6.45 -14.86 -3.43
N GLY A 135 -5.77 -15.95 -3.79
CA GLY A 135 -4.32 -16.00 -3.70
C GLY A 135 -3.66 -15.09 -4.70
N GLY A 136 -4.21 -15.04 -5.93
CA GLY A 136 -3.80 -14.00 -6.85
C GLY A 136 -4.02 -12.63 -6.26
N GLY A 137 -5.10 -12.49 -5.48
CA GLY A 137 -5.35 -11.24 -4.77
C GLY A 137 -4.31 -10.87 -3.73
N THR A 138 -3.74 -11.86 -3.06
N THR A 138 -3.73 -11.86 -3.05
CA THR A 138 -2.72 -11.58 -2.05
CA THR A 138 -2.71 -11.54 -2.04
C THR A 138 -1.50 -10.93 -2.70
C THR A 138 -1.48 -10.91 -2.70
N LEU A 139 -1.13 -11.35 -3.90
CA LEU A 139 0.02 -10.77 -4.57
C LEU A 139 -0.31 -9.35 -5.02
N GLU A 140 -1.54 -9.15 -5.49
CA GLU A 140 -1.96 -7.82 -5.88
C GLU A 140 -1.89 -6.87 -4.67
N ALA A 141 -2.40 -7.33 -3.54
CA ALA A 141 -2.42 -6.52 -2.32
C ALA A 141 -1.01 -6.25 -1.81
N ALA A 142 -0.16 -7.28 -1.81
CA ALA A 142 1.22 -7.08 -1.36
C ALA A 142 1.97 -6.10 -2.25
N ARG A 143 1.74 -6.16 -3.56
CA ARG A 143 2.41 -5.26 -4.48
C ARG A 143 1.98 -3.82 -4.20
N SER A 144 0.70 -3.62 -3.85
CA SER A 144 0.19 -2.27 -3.59
C SER A 144 0.58 -1.74 -2.21
N ARG A 145 0.67 -2.62 -1.21
CA ARG A 145 0.84 -2.22 0.19
C ARG A 145 2.10 -2.88 0.73
N PRO A 146 3.28 -2.34 0.38
CA PRO A 146 4.55 -2.94 0.86
C PRO A 146 4.73 -2.94 2.36
N SER A 147 3.89 -2.22 3.12
CA SER A 147 3.98 -2.27 4.57
C SER A 147 3.40 -3.53 5.18
N LEU A 148 2.71 -4.36 4.39
CA LEU A 148 2.30 -5.67 4.88
C LEU A 148 3.50 -6.47 5.34
N GLN A 149 3.31 -7.29 6.38
CA GLN A 149 4.39 -8.10 6.90
C GLN A 149 4.50 -9.49 6.28
N ALA A 150 3.43 -9.98 5.62
CA ALA A 150 3.45 -11.33 5.08
C ALA A 150 2.33 -11.47 4.06
N ALA A 151 2.56 -12.29 3.05
CA ALA A 151 1.57 -12.61 2.03
C ALA A 151 1.65 -14.09 1.74
N ILE A 152 0.50 -14.75 1.67
CA ILE A 152 0.50 -16.20 1.46
C ILE A 152 -0.57 -16.59 0.44
N PRO A 153 -0.21 -16.72 -0.83
CA PRO A 153 -1.16 -17.26 -1.82
C PRO A 153 -1.22 -18.78 -1.74
N LEU A 154 -2.42 -19.31 -1.56
CA LEU A 154 -2.65 -20.75 -1.54
C LEU A 154 -3.26 -21.16 -2.88
N THR A 155 -2.54 -22.00 -3.62
CA THR A 155 -2.90 -22.43 -4.98
C THR A 155 -3.43 -21.26 -5.80
N GLY A 156 -2.61 -20.21 -5.89
CA GLY A 156 -3.08 -18.96 -6.44
C GLY A 156 -3.24 -19.00 -7.95
N TRP A 157 -4.15 -18.14 -8.44
CA TRP A 157 -4.46 -17.97 -9.85
C TRP A 157 -4.30 -16.49 -10.16
N ASN A 158 -3.46 -16.17 -11.14
CA ASN A 158 -3.33 -14.79 -11.62
C ASN A 158 -2.74 -14.82 -13.01
N LEU A 159 -3.33 -14.03 -13.93
CA LEU A 159 -2.78 -13.89 -15.26
C LEU A 159 -1.44 -13.17 -15.25
N THR A 160 -1.23 -12.31 -14.26
CA THR A 160 0.07 -11.66 -14.09
C THR A 160 1.03 -12.64 -13.44
N LYS A 161 2.15 -12.91 -14.11
CA LYS A 161 3.10 -13.90 -13.66
C LYS A 161 4.33 -13.28 -13.00
N THR A 162 4.55 -11.99 -13.16
CA THR A 162 5.77 -11.33 -12.72
C THR A 162 5.46 -10.44 -11.52
N TRP A 163 6.16 -10.67 -10.40
CA TRP A 163 5.93 -9.99 -9.14
C TRP A 163 7.25 -9.46 -8.60
N SER A 164 8.05 -8.86 -9.49
CA SER A 164 9.40 -8.45 -9.15
C SER A 164 9.50 -7.21 -8.29
N THR A 165 8.38 -6.53 -8.00
CA THR A 165 8.40 -5.36 -7.13
C THR A 165 7.81 -5.64 -5.75
N VAL A 166 7.40 -6.88 -5.49
CA VAL A 166 6.88 -7.22 -4.17
C VAL A 166 8.00 -7.16 -3.14
N ARG A 167 7.74 -6.50 -2.02
CA ARG A 167 8.68 -6.37 -0.92
C ARG A 167 8.16 -6.99 0.38
N VAL A 168 7.10 -7.79 0.30
CA VAL A 168 6.46 -8.42 1.46
C VAL A 168 6.86 -9.87 1.49
N PRO A 169 7.42 -10.39 2.62
CA PRO A 169 7.80 -11.81 2.71
C PRO A 169 6.64 -12.73 2.33
N THR A 170 6.87 -13.60 1.36
CA THR A 170 5.80 -14.34 0.70
C THR A 170 6.08 -15.83 0.71
N LEU A 171 5.12 -16.58 1.22
CA LEU A 171 5.09 -18.04 1.13
C LEU A 171 4.07 -18.41 0.05
N VAL A 172 4.55 -18.99 -1.04
CA VAL A 172 3.71 -19.49 -2.13
C VAL A 172 3.43 -20.97 -1.91
N VAL A 173 2.15 -21.32 -1.79
CA VAL A 173 1.75 -22.70 -1.57
C VAL A 173 1.08 -23.20 -2.84
N GLY A 174 1.66 -24.25 -3.42
CA GLY A 174 1.09 -24.85 -4.61
C GLY A 174 0.59 -26.26 -4.37
N ALA A 175 -0.34 -26.69 -5.20
CA ALA A 175 -0.86 -28.06 -5.15
C ALA A 175 -0.35 -28.80 -6.38
N GLN A 176 0.38 -29.89 -6.14
CA GLN A 176 1.14 -30.52 -7.22
C GLN A 176 0.22 -30.92 -8.38
N ALA A 177 -0.95 -31.45 -8.09
CA ALA A 177 -1.82 -32.01 -9.11
C ALA A 177 -2.90 -31.02 -9.56
N ASP A 178 -2.77 -29.75 -9.18
CA ASP A 178 -3.76 -28.72 -9.48
C ASP A 178 -3.90 -28.58 -10.98
N THR A 179 -5.14 -28.76 -11.47
CA THR A 179 -5.42 -28.58 -12.88
C THR A 179 -6.11 -27.25 -13.19
N VAL A 180 -6.52 -26.52 -12.16
CA VAL A 180 -7.24 -25.26 -12.31
C VAL A 180 -6.27 -24.08 -12.31
N ALA A 181 -5.34 -24.08 -11.35
CA ALA A 181 -4.26 -23.11 -11.27
C ALA A 181 -2.96 -23.89 -11.23
N PRO A 182 -2.56 -24.50 -12.35
CA PRO A 182 -1.40 -25.40 -12.31
C PRO A 182 -0.16 -24.69 -11.79
N VAL A 183 0.62 -25.41 -10.97
CA VAL A 183 1.81 -24.78 -10.38
C VAL A 183 2.80 -24.35 -11.46
N ALA A 184 2.82 -25.06 -12.58
CA ALA A 184 3.80 -24.75 -13.62
C ALA A 184 3.52 -23.43 -14.32
N SER A 185 2.27 -22.97 -14.33
CA SER A 185 1.94 -21.70 -14.97
C SER A 185 1.51 -20.62 -13.99
N HIS A 186 1.31 -20.95 -12.72
CA HIS A 186 0.92 -19.94 -11.72
C HIS A 186 1.91 -19.91 -10.55
N SER A 187 1.74 -20.80 -9.57
CA SER A 187 2.54 -20.72 -8.34
C SER A 187 4.04 -20.61 -8.60
N ILE A 188 4.59 -21.48 -9.45
CA ILE A 188 6.05 -21.53 -9.60
C ILE A 188 6.54 -20.27 -10.32
N PRO A 189 5.90 -19.84 -11.41
CA PRO A 189 6.25 -18.53 -11.98
C PRO A 189 6.17 -17.40 -10.97
N PHE A 190 5.16 -17.39 -10.11
CA PHE A 190 5.06 -16.34 -9.10
C PHE A 190 6.32 -16.34 -8.23
N TYR A 191 6.66 -17.51 -7.68
CA TYR A 191 7.79 -17.65 -6.79
C TYR A 191 9.07 -17.25 -7.48
N ASN A 192 9.26 -17.70 -8.74
CA ASN A 192 10.51 -17.42 -9.44
C ASN A 192 10.67 -15.94 -9.76
N SER A 193 9.59 -15.19 -9.87
CA SER A 193 9.69 -13.79 -10.24
C SER A 193 9.86 -12.86 -9.04
N LEU A 194 9.67 -13.38 -7.83
CA LEU A 194 9.88 -12.57 -6.64
C LEU A 194 11.36 -12.21 -6.51
N PRO A 195 11.66 -11.04 -5.95
CA PRO A 195 13.05 -10.59 -5.88
C PRO A 195 13.95 -11.58 -5.15
N SER A 196 15.19 -11.70 -5.63
CA SER A 196 16.13 -12.62 -4.96
C SER A 196 16.40 -12.19 -3.53
N SER A 197 16.28 -10.90 -3.23
CA SER A 197 16.58 -10.41 -1.88
C SER A 197 15.41 -10.60 -0.91
N LEU A 198 14.25 -11.04 -1.38
CA LEU A 198 13.08 -11.14 -0.53
C LEU A 198 13.09 -12.44 0.27
N ASP A 199 12.66 -12.37 1.52
CA ASP A 199 12.38 -13.59 2.27
C ASP A 199 11.19 -14.28 1.61
N LYS A 200 11.38 -15.50 1.12
CA LYS A 200 10.34 -16.16 0.36
C LYS A 200 10.48 -17.67 0.46
N ALA A 201 9.38 -18.36 0.16
CA ALA A 201 9.42 -19.82 0.15
C ALA A 201 8.32 -20.31 -0.78
N TYR A 202 8.54 -21.50 -1.31
CA TYR A 202 7.57 -22.24 -2.13
C TYR A 202 7.36 -23.58 -1.45
N LEU A 203 6.10 -23.90 -1.19
CA LEU A 203 5.70 -25.17 -0.58
C LEU A 203 4.73 -25.85 -1.54
N GLU A 204 5.10 -27.03 -2.03
CA GLU A 204 4.25 -27.78 -2.95
C GLU A 204 3.68 -29.00 -2.24
N LEU A 205 2.34 -29.09 -2.23
CA LEU A 205 1.63 -30.18 -1.60
C LEU A 205 1.53 -31.37 -2.56
N ARG A 206 2.13 -32.47 -2.17
CA ARG A 206 2.18 -33.65 -3.02
C ARG A 206 0.79 -34.17 -3.37
N GLY A 207 0.58 -34.40 -4.66
CA GLY A 207 -0.64 -35.03 -5.16
C GLY A 207 -1.93 -34.27 -4.88
N ALA A 208 -1.79 -33.04 -4.40
CA ALA A 208 -2.94 -32.27 -3.95
C ALA A 208 -3.67 -31.63 -5.13
N SER A 209 -4.99 -31.52 -4.98
CA SER A 209 -5.82 -30.84 -5.95
C SER A 209 -5.95 -29.36 -5.62
N HIS A 210 -6.62 -28.63 -6.54
CA HIS A 210 -6.96 -27.23 -6.33
C HIS A 210 -7.78 -27.00 -5.07
N PHE A 211 -8.45 -28.03 -4.57
CA PHE A 211 -9.37 -27.88 -3.44
C PHE A 211 -8.75 -28.29 -2.10
N ALA A 212 -7.45 -28.63 -2.08
CA ALA A 212 -6.82 -28.96 -0.81
C ALA A 212 -6.93 -27.85 0.22
N PRO A 213 -6.83 -26.57 -0.13
CA PRO A 213 -6.92 -25.51 0.89
C PRO A 213 -8.31 -25.31 1.48
N ASN A 214 -9.32 -26.02 1.00
CA ASN A 214 -10.69 -25.83 1.46
C ASN A 214 -11.11 -26.84 2.52
N SER A 215 -10.20 -27.70 2.97
CA SER A 215 -10.44 -28.66 4.03
C SER A 215 -9.23 -28.63 4.96
N SER A 216 -9.47 -28.92 6.24
CA SER A 216 -8.40 -29.00 7.23
C SER A 216 -7.17 -29.71 6.62
N ASN A 217 -6.02 -29.05 6.70
CA ASN A 217 -4.80 -29.55 6.11
C ASN A 217 -3.64 -29.17 7.03
N THR A 218 -3.03 -30.16 7.69
CA THR A 218 -2.04 -29.84 8.70
C THR A 218 -0.77 -29.26 8.11
N THR A 219 -0.43 -29.62 6.89
CA THR A 219 0.76 -29.07 6.25
C THR A 219 0.56 -27.60 5.90
N ILE A 220 -0.58 -27.25 5.29
CA ILE A 220 -0.88 -25.84 5.08
C ILE A 220 -0.87 -25.09 6.40
N ALA A 221 -1.51 -25.66 7.43
CA ALA A 221 -1.62 -24.98 8.71
C ALA A 221 -0.26 -24.71 9.35
N LYS A 222 0.60 -25.72 9.42
CA LYS A 222 1.85 -25.57 10.17
C LYS A 222 2.76 -24.57 9.48
N TYR A 223 2.79 -24.56 8.14
CA TYR A 223 3.70 -23.63 7.47
C TYR A 223 3.10 -22.23 7.37
N THR A 224 1.78 -22.13 7.20
CA THR A 224 1.14 -20.80 7.25
C THR A 224 1.37 -20.18 8.61
N LEU A 225 1.15 -20.95 9.67
CA LEU A 225 1.37 -20.47 11.02
C LEU A 225 2.81 -20.03 11.22
N SER A 226 3.76 -20.88 10.78
CA SER A 226 5.16 -20.57 11.02
C SER A 226 5.57 -19.30 10.26
N TRP A 227 5.07 -19.15 9.03
CA TRP A 227 5.39 -17.96 8.25
C TRP A 227 4.81 -16.72 8.92
N LEU A 228 3.55 -16.78 9.33
CA LEU A 228 2.93 -15.63 9.97
C LEU A 228 3.63 -15.29 11.29
N LYS A 229 3.95 -16.31 12.09
CA LYS A 229 4.69 -16.05 13.31
C LYS A 229 6.03 -15.39 13.00
N ARG A 230 6.76 -15.94 12.03
CA ARG A 230 8.11 -15.45 11.75
C ARG A 230 8.10 -14.00 11.27
N PHE A 231 7.09 -13.61 10.50
CA PHE A 231 7.13 -12.29 9.87
C PHE A 231 6.13 -11.27 10.41
N ILE A 232 4.92 -11.68 10.84
CA ILE A 232 4.04 -10.72 11.50
C ILE A 232 4.53 -10.45 12.92
N ASP A 233 5.03 -11.47 13.60
CA ASP A 233 5.45 -11.33 14.99
C ASP A 233 6.97 -11.24 15.14
N ASN A 234 7.70 -11.38 14.03
CA ASN A 234 9.16 -11.31 14.10
C ASN A 234 9.65 -12.44 15.05
N ASP A 235 8.93 -13.57 15.10
CA ASP A 235 9.09 -14.58 16.13
C ASP A 235 10.12 -15.59 15.64
N THR A 236 11.38 -15.41 16.05
CA THR A 236 12.45 -16.30 15.61
C THR A 236 12.35 -17.70 16.21
N ARG A 237 11.48 -17.90 17.20
CA ARG A 237 11.24 -19.26 17.69
C ARG A 237 10.67 -20.17 16.60
N TYR A 238 10.01 -19.60 15.57
CA TYR A 238 9.45 -20.38 14.49
C TYR A 238 10.40 -20.53 13.31
N GLU A 239 11.56 -19.86 13.33
CA GLU A 239 12.53 -20.02 12.27
C GLU A 239 12.95 -21.48 12.11
N GLN A 240 12.96 -22.26 13.21
CA GLN A 240 13.47 -23.62 13.15
C GLN A 240 12.62 -24.50 12.22
N PHE A 241 11.37 -24.15 12.02
CA PHE A 241 10.49 -24.94 11.17
C PHE A 241 10.62 -24.55 9.70
N LEU A 242 11.23 -23.42 9.40
CA LEU A 242 11.37 -22.90 8.05
C LEU A 242 12.78 -23.06 7.50
N CYS A 243 13.81 -23.05 8.37
CA CYS A 243 15.21 -23.05 7.98
C CYS A 243 15.95 -23.99 8.91
N PRO A 244 16.73 -24.93 8.37
CA PRO A 244 16.91 -25.29 6.95
C PRO A 244 15.59 -25.72 6.35
N ILE A 245 15.44 -25.63 5.04
CA ILE A 245 14.13 -25.90 4.44
C ILE A 245 13.73 -27.34 4.66
N PRO A 246 12.43 -27.61 4.77
CA PRO A 246 11.98 -28.99 4.97
C PRO A 246 12.41 -29.90 3.82
N SER A 247 12.57 -31.17 4.14
CA SER A 247 12.79 -32.17 3.10
C SER A 247 11.43 -32.65 2.59
N THR A 248 11.47 -33.24 1.39
CA THR A 248 10.25 -33.77 0.81
C THR A 248 9.74 -34.94 1.64
N SER A 249 8.45 -35.19 1.54
CA SER A 249 7.77 -36.18 2.35
C SER A 249 6.49 -36.61 1.64
N LEU A 250 5.66 -37.40 2.33
CA LEU A 250 4.36 -37.75 1.77
C LEU A 250 3.51 -36.51 1.51
N SER A 251 3.66 -35.48 2.34
CA SER A 251 2.86 -34.27 2.17
C SER A 251 3.52 -33.22 1.31
N ILE A 252 4.85 -33.22 1.21
CA ILE A 252 5.61 -32.16 0.57
C ILE A 252 6.34 -32.75 -0.64
N SER A 253 5.98 -32.30 -1.84
CA SER A 253 6.65 -32.77 -3.05
C SER A 253 7.77 -31.85 -3.50
N ASP A 254 7.81 -30.62 -2.98
CA ASP A 254 8.81 -29.64 -3.40
C ASP A 254 8.80 -28.55 -2.34
N TYR A 255 9.99 -28.08 -1.99
CA TYR A 255 10.12 -26.90 -1.13
C TYR A 255 11.32 -26.10 -1.59
N ARG A 256 11.15 -24.78 -1.69
CA ARG A 256 12.21 -23.87 -2.07
C ARG A 256 12.19 -22.70 -1.12
N GLY A 257 13.35 -22.12 -0.87
CA GLY A 257 13.36 -20.93 -0.03
C GLY A 257 14.75 -20.48 0.31
N ASN A 258 14.88 -19.25 0.77
CA ASN A 258 16.15 -18.73 1.23
C ASN A 258 16.28 -18.91 2.73
N CYS A 259 17.52 -19.20 3.18
CA CYS A 259 17.81 -19.37 4.59
C CYS A 259 19.20 -18.84 4.86
N PRO A 260 19.42 -18.16 6.00
CA PRO A 260 18.41 -17.82 7.01
C PRO A 260 17.59 -16.60 6.62
N HIS A 261 16.52 -16.33 7.36
CA HIS A 261 15.73 -15.13 7.10
C HIS A 261 16.32 -13.92 7.81
N ASN A 262 15.96 -12.74 7.33
CA ASN A 262 16.43 -11.44 7.78
C ASN A 262 17.90 -11.20 7.45
N GLY A 263 18.55 -12.13 6.75
CA GLY A 263 19.95 -11.99 6.42
C GLY A 263 20.18 -11.32 5.07
N UNK A 272 21.16 -17.58 1.17
CA UNK A 272 21.24 -18.44 -0.03
C UNK A 272 19.96 -19.26 -0.20
N HIS A 273 19.69 -19.64 -1.44
CA HIS A 273 18.46 -20.31 -1.89
C HIS A 273 18.66 -21.82 -1.99
N HIS A 274 17.77 -22.60 -1.40
CA HIS A 274 17.80 -24.08 -1.52
C HIS A 274 16.48 -24.53 -2.13
N HIS A 275 16.49 -25.75 -2.62
CA HIS A 275 15.34 -26.39 -3.30
C HIS A 275 15.43 -27.89 -3.03
N HIS A 276 14.39 -28.52 -2.56
CA HIS A 276 14.31 -29.97 -2.32
C HIS A 276 13.22 -30.50 -3.23
N HIS A 277 13.54 -31.46 -4.11
CA HIS A 277 12.60 -32.12 -5.01
C HIS A 277 12.77 -33.64 -4.92
N GLU B 3 17.08 16.54 16.17
CA GLU B 3 17.73 16.72 14.88
C GLU B 3 17.09 15.86 13.78
N ASN B 4 16.54 16.50 12.74
CA ASN B 4 15.84 15.81 11.63
C ASN B 4 16.85 15.54 10.53
N PRO B 5 17.16 14.30 10.18
CA PRO B 5 18.13 14.07 9.15
C PRO B 5 17.65 14.21 7.69
N TYR B 6 16.37 14.47 7.50
CA TYR B 6 15.79 14.55 6.15
C TYR B 6 15.70 15.98 5.63
N GLU B 7 16.17 16.96 6.39
CA GLU B 7 16.17 18.36 5.92
C GLU B 7 17.10 18.49 4.70
N ARG B 8 16.66 19.10 3.60
CA ARG B 8 17.46 19.35 2.42
C ARG B 8 17.34 20.81 2.02
N GLY B 9 18.46 21.41 1.64
CA GLY B 9 18.45 22.76 1.18
C GLY B 9 18.52 23.75 2.31
N PRO B 10 18.82 25.02 1.99
CA PRO B 10 18.91 26.04 3.03
C PRO B 10 17.54 26.40 3.61
N ALA B 11 17.59 27.11 4.74
CA ALA B 11 16.35 27.53 5.40
C ALA B 11 15.52 28.32 4.40
N PRO B 12 14.22 28.04 4.28
CA PRO B 12 13.42 28.72 3.26
C PRO B 12 13.05 30.16 3.63
N THR B 13 12.73 30.90 2.57
CA THR B 13 12.08 32.21 2.64
C THR B 13 10.76 32.12 1.88
N THR B 14 9.91 33.14 2.07
N THR B 14 9.91 33.14 2.07
CA THR B 14 8.71 33.23 1.24
CA THR B 14 8.71 33.24 1.25
C THR B 14 9.08 33.32 -0.24
C THR B 14 9.09 33.33 -0.24
N SER B 15 10.23 33.95 -0.54
CA SER B 15 10.67 34.02 -1.92
C SER B 15 11.15 32.67 -2.44
N SER B 16 11.87 31.91 -1.63
CA SER B 16 12.44 30.68 -2.14
C SER B 16 11.35 29.65 -2.47
N ILE B 17 10.23 29.64 -1.72
CA ILE B 17 9.15 28.70 -2.02
C ILE B 17 8.34 29.13 -3.24
N GLU B 18 8.49 30.38 -3.68
CA GLU B 18 7.87 30.87 -4.91
C GLU B 18 8.78 30.79 -6.13
N ALA B 19 10.03 30.40 -5.95
CA ALA B 19 11.01 30.50 -7.03
C ALA B 19 10.83 29.40 -8.06
N SER B 20 11.26 29.68 -9.29
CA SER B 20 11.17 28.70 -10.35
C SER B 20 12.06 27.50 -10.07
N ARG B 21 13.16 27.72 -9.36
CA ARG B 21 14.11 26.67 -9.05
C ARG B 21 14.61 26.84 -7.63
N GLY B 22 14.88 25.73 -6.99
CA GLY B 22 15.55 25.70 -5.71
C GLY B 22 17.05 25.73 -5.86
N SER B 23 17.74 25.28 -4.81
CA SER B 23 19.19 25.40 -4.71
C SER B 23 19.96 24.24 -5.32
N PHE B 24 19.29 23.15 -5.70
CA PHE B 24 19.98 21.97 -6.17
C PHE B 24 20.11 21.96 -7.69
N ALA B 25 21.32 21.71 -8.16
CA ALA B 25 21.50 21.30 -9.55
C ALA B 25 20.72 20.01 -9.82
N THR B 26 20.12 19.94 -10.99
CA THR B 26 19.30 18.80 -11.36
C THR B 26 19.66 18.31 -12.75
N SER B 27 19.30 17.06 -13.02
CA SER B 27 19.40 16.48 -14.34
C SER B 27 18.12 15.70 -14.60
N THR B 28 18.03 15.08 -15.75
CA THR B 28 16.85 14.35 -16.16
C THR B 28 17.23 13.00 -16.76
N VAL B 29 16.28 12.07 -16.66
CA VAL B 29 16.35 10.80 -17.36
C VAL B 29 14.99 10.57 -18.00
N THR B 30 14.99 10.17 -19.27
CA THR B 30 13.75 9.85 -19.99
C THR B 30 13.53 8.35 -19.92
N VAL B 31 12.33 7.94 -19.48
CA VAL B 31 11.96 6.54 -19.36
C VAL B 31 10.91 6.25 -20.42
N SER B 32 11.28 5.48 -21.43
CA SER B 32 10.37 5.20 -22.52
C SER B 32 9.27 4.23 -22.10
N ARG B 33 8.15 4.29 -22.83
CA ARG B 33 7.07 3.33 -22.60
C ARG B 33 7.56 1.89 -22.72
N LEU B 34 8.52 1.63 -23.61
CA LEU B 34 8.98 0.27 -23.82
C LEU B 34 9.80 -0.24 -22.65
N ALA B 35 10.41 0.64 -21.88
CA ALA B 35 11.32 0.23 -20.82
C ALA B 35 10.60 -0.21 -19.55
N VAL B 36 9.30 0.04 -19.44
CA VAL B 36 8.59 -0.18 -18.18
C VAL B 36 7.31 -0.95 -18.44
N SER B 37 6.81 -1.57 -17.38
CA SER B 37 5.49 -2.18 -17.36
C SER B 37 4.66 -1.55 -16.24
N GLY B 38 3.37 -1.44 -16.47
CA GLY B 38 2.46 -0.92 -15.48
C GLY B 38 2.15 0.56 -15.60
N PHE B 39 2.93 1.32 -16.37
CA PHE B 39 2.62 2.73 -16.64
C PHE B 39 3.30 3.11 -17.95
N GLY B 40 3.05 4.34 -18.39
CA GLY B 40 3.47 4.76 -19.72
C GLY B 40 4.80 5.48 -19.80
N GLY B 41 5.72 5.16 -18.92
CA GLY B 41 7.00 5.83 -18.88
C GLY B 41 6.85 7.25 -18.32
N GLY B 42 7.89 8.04 -18.52
CA GLY B 42 7.88 9.40 -18.03
C GLY B 42 9.28 10.01 -18.05
N THR B 43 9.42 11.07 -17.28
CA THR B 43 10.65 11.81 -17.14
C THR B 43 10.99 11.91 -15.66
N ILE B 44 12.24 11.59 -15.33
CA ILE B 44 12.74 11.67 -13.97
C ILE B 44 13.57 12.93 -13.86
N TYR B 45 13.21 13.79 -12.92
CA TYR B 45 14.00 14.99 -12.56
C TYR B 45 14.64 14.73 -11.21
N TYR B 46 15.97 14.95 -11.10
CA TYR B 46 16.63 14.55 -9.87
C TYR B 46 17.76 15.48 -9.51
N PRO B 47 17.99 15.74 -8.22
CA PRO B 47 19.19 16.50 -7.83
C PRO B 47 20.42 15.65 -8.03
N THR B 48 21.48 16.28 -8.55
CA THR B 48 22.71 15.56 -8.82
C THR B 48 23.58 15.39 -7.59
N SER B 49 23.47 16.29 -6.61
CA SER B 49 24.34 16.17 -5.44
C SER B 49 23.98 14.95 -4.62
N THR B 50 25.00 14.32 -4.03
CA THR B 50 24.81 13.22 -3.10
C THR B 50 25.17 13.56 -1.66
N THR B 51 25.78 14.71 -1.40
CA THR B 51 26.24 15.02 -0.04
C THR B 51 25.14 15.61 0.84
N ALA B 52 23.99 15.97 0.29
CA ALA B 52 22.88 16.37 1.13
C ALA B 52 22.13 15.20 1.73
N GLY B 53 22.44 13.98 1.29
CA GLY B 53 21.71 12.78 1.68
C GLY B 53 20.80 12.29 0.56
N THR B 54 20.18 11.15 0.80
CA THR B 54 19.18 10.65 -0.14
C THR B 54 17.91 11.51 -0.05
N PHE B 55 17.13 11.48 -1.11
CA PHE B 55 15.96 12.33 -1.27
C PHE B 55 14.67 11.53 -1.25
N GLY B 56 13.61 12.16 -0.77
CA GLY B 56 12.29 11.65 -1.05
C GLY B 56 11.97 11.73 -2.53
N ALA B 57 10.92 11.00 -2.92
CA ALA B 57 10.56 10.93 -4.33
C ALA B 57 9.06 10.98 -4.48
N ILE B 58 8.60 11.59 -5.56
CA ILE B 58 7.19 11.65 -5.89
C ILE B 58 7.00 11.23 -7.35
N SER B 59 5.82 10.66 -7.64
CA SER B 59 5.33 10.48 -8.99
C SER B 59 4.14 11.43 -9.20
N ILE B 60 4.01 11.92 -10.43
CA ILE B 60 3.00 12.93 -10.77
C ILE B 60 2.26 12.45 -12.01
N ALA B 61 0.91 12.37 -11.91
CA ALA B 61 0.14 11.86 -13.03
C ALA B 61 -0.77 12.94 -13.65
N PRO B 62 -0.99 12.87 -14.96
CA PRO B 62 -1.92 13.80 -15.63
C PRO B 62 -3.36 13.31 -15.57
N GLY B 63 -4.25 14.02 -16.26
CA GLY B 63 -5.67 13.69 -16.25
C GLY B 63 -6.15 13.01 -17.53
N PHE B 64 -7.47 12.81 -17.58
CA PHE B 64 -8.13 12.22 -18.73
C PHE B 64 -7.79 12.98 -20.00
N THR B 65 -7.40 12.24 -21.03
CA THR B 65 -6.99 12.72 -22.36
C THR B 65 -5.63 13.40 -22.37
N ALA B 66 -4.97 13.55 -21.23
CA ALA B 66 -3.81 14.41 -21.12
C ALA B 66 -2.50 13.65 -21.08
N LEU B 67 -1.45 14.31 -21.55
CA LEU B 67 -0.12 13.72 -21.56
C LEU B 67 0.73 14.33 -20.45
N GLN B 68 1.92 13.76 -20.30
CA GLN B 68 2.87 14.21 -19.28
C GLN B 68 3.17 15.69 -19.42
N SER B 69 3.15 16.22 -20.64
CA SER B 69 3.49 17.62 -20.82
C SER B 69 2.55 18.53 -20.05
N SER B 70 1.35 18.06 -19.70
CA SER B 70 0.40 18.91 -18.99
C SER B 70 0.79 19.18 -17.56
N ILE B 71 1.72 18.39 -16.99
CA ILE B 71 2.12 18.57 -15.60
C ILE B 71 3.64 18.69 -15.52
N ALA B 72 4.30 18.84 -16.68
CA ALA B 72 5.75 18.79 -16.72
C ALA B 72 6.41 19.91 -15.93
N TRP B 73 5.76 21.08 -15.83
CA TRP B 73 6.40 22.22 -15.17
C TRP B 73 6.74 21.92 -13.70
N LEU B 74 6.00 21.00 -13.05
CA LEU B 74 6.26 20.67 -11.66
C LEU B 74 7.57 19.91 -11.49
N GLY B 75 8.03 19.22 -12.53
CA GLY B 75 9.21 18.40 -12.45
C GLY B 75 10.42 19.14 -11.90
N PRO B 76 10.95 20.08 -12.69
CA PRO B 76 12.17 20.78 -12.27
C PRO B 76 11.93 21.75 -11.12
N ARG B 77 10.75 22.35 -11.07
CA ARG B 77 10.44 23.31 -10.01
C ARG B 77 10.50 22.64 -8.63
N LEU B 78 10.00 21.40 -8.53
CA LEU B 78 10.06 20.68 -7.27
C LEU B 78 11.40 19.96 -7.07
N ALA B 79 11.94 19.32 -8.11
CA ALA B 79 13.14 18.52 -7.94
C ALA B 79 14.32 19.38 -7.48
N SER B 80 14.42 20.60 -8.00
CA SER B 80 15.52 21.51 -7.66
C SER B 80 15.44 22.00 -6.22
N GLN B 81 14.31 21.77 -5.55
CA GLN B 81 14.19 22.03 -4.12
C GLN B 81 14.60 20.83 -3.27
N GLY B 82 14.96 19.72 -3.87
CA GLY B 82 15.44 18.55 -3.13
C GLY B 82 14.52 17.34 -3.16
N PHE B 83 14.08 16.93 -4.36
CA PHE B 83 13.22 15.77 -4.51
C PHE B 83 13.57 15.09 -5.82
N VAL B 84 13.36 13.78 -5.88
CA VAL B 84 13.31 13.10 -7.18
C VAL B 84 11.86 13.09 -7.62
N VAL B 85 11.59 13.59 -8.83
CA VAL B 85 10.24 13.80 -9.31
C VAL B 85 10.08 13.08 -10.63
N PHE B 86 9.09 12.24 -10.71
CA PHE B 86 8.86 11.37 -11.87
C PHE B 86 7.52 11.78 -12.49
N THR B 87 7.55 12.56 -13.56
CA THR B 87 6.33 12.94 -14.27
C THR B 87 6.02 11.84 -15.26
N ILE B 88 4.84 11.24 -15.14
CA ILE B 88 4.55 10.02 -15.90
C ILE B 88 3.49 10.27 -16.96
N ASP B 89 3.53 9.45 -18.00
CA ASP B 89 2.41 9.22 -18.89
C ASP B 89 1.69 7.96 -18.42
N THR B 90 0.40 7.91 -18.69
CA THR B 90 -0.38 6.72 -18.38
C THR B 90 -0.33 5.77 -19.57
N LEU B 91 -0.72 4.52 -19.31
CA LEU B 91 -0.74 3.54 -20.38
C LEU B 91 -1.62 3.97 -21.53
N THR B 92 -2.78 4.54 -21.23
CA THR B 92 -3.64 5.16 -22.25
C THR B 92 -4.23 6.42 -21.65
N THR B 93 -4.60 7.36 -22.52
CA THR B 93 -5.16 8.62 -22.04
C THR B 93 -6.61 8.47 -21.54
N SER B 94 -7.22 7.28 -21.69
CA SER B 94 -8.56 7.03 -21.17
C SER B 94 -8.57 6.24 -19.87
N ASP B 95 -7.42 6.07 -19.22
CA ASP B 95 -7.40 5.36 -17.94
C ASP B 95 -8.20 6.13 -16.89
N GLN B 96 -8.94 5.38 -16.07
CA GLN B 96 -9.76 5.94 -15.00
C GLN B 96 -8.94 6.15 -13.74
N PRO B 97 -9.52 6.80 -12.72
CA PRO B 97 -8.71 7.14 -11.54
C PRO B 97 -8.10 5.95 -10.82
N ASP B 98 -8.82 4.83 -10.72
CA ASP B 98 -8.25 3.67 -10.05
C ASP B 98 -7.03 3.16 -10.79
N SER B 99 -7.09 3.12 -12.12
CA SER B 99 -5.92 2.74 -12.91
C SER B 99 -4.80 3.75 -12.75
N ARG B 100 -5.13 5.05 -12.69
CA ARG B 100 -4.09 6.06 -12.51
C ARG B 100 -3.42 5.93 -11.14
N GLY B 101 -4.17 5.52 -10.11
CA GLY B 101 -3.55 5.29 -8.83
C GLY B 101 -2.57 4.13 -8.87
N ARG B 102 -2.97 3.04 -9.52
CA ARG B 102 -2.07 1.90 -9.72
C ARG B 102 -0.78 2.33 -10.40
N GLN B 103 -0.89 3.22 -11.39
CA GLN B 103 0.26 3.65 -12.18
C GLN B 103 1.14 4.60 -11.41
N LEU B 104 0.56 5.43 -10.53
CA LEU B 104 1.40 6.24 -9.64
C LEU B 104 2.29 5.36 -8.78
N LEU B 105 1.72 4.26 -8.25
CA LEU B 105 2.48 3.35 -7.41
C LEU B 105 3.50 2.57 -8.22
N ALA B 106 3.10 2.10 -9.40
CA ALA B 106 4.02 1.35 -10.26
C ALA B 106 5.22 2.21 -10.62
N ALA B 107 4.98 3.49 -10.88
CA ALA B 107 6.08 4.38 -11.22
C ALA B 107 7.03 4.57 -10.04
N LEU B 108 6.48 4.71 -8.83
CA LEU B 108 7.34 4.82 -7.65
C LEU B 108 8.17 3.55 -7.46
N ASP B 109 7.57 2.38 -7.72
CA ASP B 109 8.30 1.14 -7.55
C ASP B 109 9.41 1.00 -8.60
N TYR B 110 9.13 1.40 -9.83
CA TYR B 110 10.22 1.42 -10.82
C TYR B 110 11.32 2.36 -10.36
N LEU B 111 10.94 3.55 -9.89
N LEU B 111 10.93 3.57 -9.92
CA LEU B 111 11.90 4.56 -9.49
CA LEU B 111 11.88 4.57 -9.47
C LEU B 111 12.83 4.04 -8.41
C LEU B 111 12.82 4.01 -8.42
N THR B 112 12.26 3.42 -7.36
CA THR B 112 13.05 3.02 -6.21
C THR B 112 13.74 1.67 -6.36
N GLN B 113 13.22 0.78 -7.19
CA GLN B 113 13.78 -0.57 -7.31
C GLN B 113 14.60 -0.81 -8.58
N GLN B 114 14.31 -0.11 -9.68
CA GLN B 114 14.94 -0.42 -10.96
C GLN B 114 15.60 0.75 -11.67
N SER B 115 15.24 1.99 -11.35
CA SER B 115 15.67 3.13 -12.14
C SER B 115 17.17 3.41 -11.96
N SER B 116 17.71 4.20 -12.89
CA SER B 116 19.11 4.59 -12.80
C SER B 116 19.42 5.52 -11.64
N VAL B 117 18.40 6.09 -10.99
CA VAL B 117 18.60 7.01 -9.87
C VAL B 117 18.16 6.38 -8.55
N ARG B 118 17.91 5.07 -8.53
CA ARG B 118 17.34 4.47 -7.33
C ARG B 118 18.23 4.70 -6.11
N SER B 119 19.56 4.77 -6.30
CA SER B 119 20.47 4.93 -5.17
C SER B 119 20.40 6.32 -4.55
N ARG B 120 19.80 7.29 -5.22
CA ARG B 120 19.66 8.65 -4.73
C ARG B 120 18.41 8.85 -3.89
N ILE B 121 17.59 7.82 -3.74
CA ILE B 121 16.25 7.93 -3.15
C ILE B 121 16.17 7.15 -1.85
N ASP B 122 15.49 7.74 -0.87
CA ASP B 122 15.09 7.05 0.35
C ASP B 122 13.72 6.45 0.06
N SER B 123 13.70 5.12 -0.19
CA SER B 123 12.48 4.47 -0.64
C SER B 123 11.40 4.40 0.44
N SER B 124 11.68 4.84 1.66
CA SER B 124 10.66 4.89 2.70
C SER B 124 9.91 6.22 2.73
N ARG B 125 10.27 7.18 1.89
CA ARG B 125 9.73 8.54 1.95
C ARG B 125 9.27 8.97 0.55
N LEU B 126 8.03 8.63 0.22
CA LEU B 126 7.48 8.79 -1.12
C LEU B 126 6.15 9.51 -1.06
N GLY B 127 5.81 10.12 -2.19
CA GLY B 127 4.55 10.83 -2.31
C GLY B 127 3.98 10.74 -3.71
N VAL B 128 2.75 11.20 -3.82
CA VAL B 128 2.04 11.19 -5.10
C VAL B 128 1.33 12.53 -5.29
N VAL B 129 1.38 13.05 -6.51
CA VAL B 129 0.70 14.27 -6.96
C VAL B 129 -0.02 13.94 -8.27
N GLY B 130 -1.12 14.63 -8.53
CA GLY B 130 -1.82 14.36 -9.77
C GLY B 130 -2.85 15.40 -10.11
N HIS B 131 -3.11 15.57 -11.38
CA HIS B 131 -4.10 16.52 -11.89
C HIS B 131 -5.35 15.78 -12.38
N ALA B 132 -6.53 16.25 -11.96
CA ALA B 132 -7.80 15.85 -12.55
C ALA B 132 -8.02 14.36 -12.21
N MET B 133 -8.28 13.50 -13.21
CA MET B 133 -8.39 12.07 -12.87
C MET B 133 -7.09 11.54 -12.24
N GLY B 134 -5.95 12.12 -12.59
CA GLY B 134 -4.71 11.78 -11.90
C GLY B 134 -4.73 12.21 -10.45
N GLY B 135 -5.43 13.30 -10.16
CA GLY B 135 -5.65 13.67 -8.77
C GLY B 135 -6.56 12.72 -8.05
N GLY B 136 -7.63 12.27 -8.71
CA GLY B 136 -8.40 11.14 -8.18
C GLY B 136 -7.52 9.93 -7.94
N GLY B 137 -6.57 9.69 -8.85
CA GLY B 137 -5.61 8.61 -8.67
C GLY B 137 -4.74 8.74 -7.45
N THR B 138 -4.41 9.97 -7.02
CA THR B 138 -3.58 10.12 -5.83
C THR B 138 -4.31 9.59 -4.59
N LEU B 139 -5.63 9.78 -4.55
CA LEU B 139 -6.39 9.28 -3.42
C LEU B 139 -6.47 7.76 -3.46
N GLU B 140 -6.66 7.19 -4.66
CA GLU B 140 -6.66 5.75 -4.81
C GLU B 140 -5.34 5.17 -4.33
N ALA B 141 -4.23 5.78 -4.75
CA ALA B 141 -2.90 5.31 -4.36
C ALA B 141 -2.69 5.44 -2.86
N ALA B 142 -3.08 6.58 -2.28
CA ALA B 142 -2.89 6.78 -0.86
C ALA B 142 -3.69 5.75 -0.05
N ARG B 143 -4.91 5.45 -0.48
CA ARG B 143 -5.73 4.48 0.23
C ARG B 143 -5.11 3.09 0.18
N SER B 144 -4.50 2.74 -0.95
CA SER B 144 -3.91 1.43 -1.08
C SER B 144 -2.56 1.34 -0.36
N ARG B 145 -1.81 2.43 -0.29
CA ARG B 145 -0.44 2.41 0.21
C ARG B 145 -0.31 3.42 1.36
N PRO B 146 -0.73 3.04 2.56
CA PRO B 146 -0.70 3.99 3.68
C PRO B 146 0.70 4.41 4.12
N SER B 147 1.75 3.73 3.66
CA SER B 147 3.11 4.15 3.96
C SER B 147 3.53 5.39 3.17
N LEU B 148 2.74 5.83 2.19
CA LEU B 148 3.06 7.08 1.51
C LEU B 148 3.09 8.21 2.52
N GLN B 149 3.97 9.18 2.28
CA GLN B 149 4.13 10.29 3.20
C GLN B 149 3.30 11.50 2.82
N ALA B 150 2.86 11.62 1.57
CA ALA B 150 2.04 12.75 1.16
C ALA B 150 1.25 12.40 -0.09
N ALA B 151 0.07 13.01 -0.19
CA ALA B 151 -0.78 12.88 -1.37
C ALA B 151 -1.35 14.26 -1.71
N ILE B 152 -1.29 14.64 -2.98
CA ILE B 152 -1.77 15.98 -3.37
C ILE B 152 -2.59 15.89 -4.65
N PRO B 153 -3.91 15.79 -4.55
CA PRO B 153 -4.79 15.90 -5.73
C PRO B 153 -4.97 17.36 -6.13
N LEU B 154 -4.59 17.66 -7.37
CA LEU B 154 -4.79 18.99 -7.98
C LEU B 154 -6.04 18.94 -8.86
N THR B 155 -7.06 19.68 -8.47
CA THR B 155 -8.38 19.74 -9.12
C THR B 155 -8.83 18.33 -9.46
N GLY B 156 -8.89 17.50 -8.43
CA GLY B 156 -9.09 16.07 -8.63
C GLY B 156 -10.51 15.73 -9.04
N TRP B 157 -10.64 14.61 -9.72
CA TRP B 157 -11.90 14.07 -10.22
C TRP B 157 -11.94 12.60 -9.83
N ASN B 158 -13.01 12.21 -9.12
CA ASN B 158 -13.20 10.82 -8.77
C ASN B 158 -14.66 10.62 -8.41
N LEU B 159 -15.25 9.54 -8.93
CA LEU B 159 -16.62 9.22 -8.56
C LEU B 159 -16.73 8.75 -7.11
N THR B 160 -15.63 8.23 -6.54
CA THR B 160 -15.61 7.89 -5.12
C THR B 160 -15.40 9.18 -4.33
N LYS B 161 -16.35 9.49 -3.44
CA LYS B 161 -16.31 10.73 -2.67
C LYS B 161 -15.81 10.56 -1.24
N THR B 162 -15.76 9.34 -0.71
CA THR B 162 -15.44 9.08 0.69
C THR B 162 -14.05 8.46 0.78
N TRP B 163 -13.19 9.04 1.63
CA TRP B 163 -11.80 8.65 1.78
C TRP B 163 -11.45 8.52 3.26
N SER B 164 -12.36 7.90 4.00
CA SER B 164 -12.26 7.87 5.46
C SER B 164 -11.22 6.89 5.98
N THR B 165 -10.64 6.04 5.13
CA THR B 165 -9.57 5.16 5.59
C THR B 165 -8.18 5.65 5.19
N VAL B 166 -8.06 6.82 4.56
CA VAL B 166 -6.75 7.33 4.17
C VAL B 166 -5.95 7.73 5.40
N ARG B 167 -4.68 7.34 5.42
CA ARG B 167 -3.77 7.67 6.53
C ARG B 167 -2.56 8.43 6.05
N VAL B 168 -2.60 8.98 4.84
CA VAL B 168 -1.50 9.71 4.23
C VAL B 168 -1.83 11.21 4.28
N PRO B 169 -0.95 12.04 4.82
CA PRO B 169 -1.22 13.50 4.87
C PRO B 169 -1.54 14.05 3.49
N THR B 170 -2.69 14.70 3.38
CA THR B 170 -3.23 15.04 2.07
C THR B 170 -3.56 16.53 1.98
N LEU B 171 -3.02 17.18 0.94
CA LEU B 171 -3.38 18.55 0.56
C LEU B 171 -4.30 18.45 -0.64
N VAL B 172 -5.55 18.85 -0.47
CA VAL B 172 -6.52 18.86 -1.57
C VAL B 172 -6.52 20.28 -2.15
N VAL B 173 -6.18 20.40 -3.42
CA VAL B 173 -6.17 21.68 -4.12
C VAL B 173 -7.35 21.74 -5.07
N GLY B 174 -8.27 22.66 -4.83
CA GLY B 174 -9.43 22.86 -5.67
C GLY B 174 -9.34 24.17 -6.44
N ALA B 175 -10.02 24.24 -7.56
CA ALA B 175 -10.15 25.44 -8.37
C ALA B 175 -11.57 25.95 -8.24
N GLN B 176 -11.73 27.19 -7.75
CA GLN B 176 -13.04 27.67 -7.37
C GLN B 176 -14.03 27.59 -8.51
N ALA B 177 -13.63 27.99 -9.72
CA ALA B 177 -14.52 28.07 -10.87
C ALA B 177 -14.46 26.84 -11.76
N ASP B 178 -13.95 25.73 -11.23
CA ASP B 178 -13.82 24.48 -11.99
C ASP B 178 -15.19 23.98 -12.43
N THR B 179 -15.37 23.80 -13.75
CA THR B 179 -16.60 23.25 -14.30
C THR B 179 -16.46 21.81 -14.75
N VAL B 180 -15.24 21.27 -14.76
CA VAL B 180 -14.99 19.88 -15.14
C VAL B 180 -15.02 18.96 -13.93
N ALA B 181 -14.35 19.36 -12.86
CA ALA B 181 -14.37 18.65 -11.57
C ALA B 181 -14.74 19.65 -10.48
N PRO B 182 -16.00 20.10 -10.46
CA PRO B 182 -16.37 21.18 -9.53
C PRO B 182 -16.03 20.84 -8.09
N VAL B 183 -15.52 21.85 -7.37
CA VAL B 183 -15.08 21.61 -5.99
C VAL B 183 -16.25 21.13 -5.13
N ALA B 184 -17.48 21.57 -5.44
CA ALA B 184 -18.62 21.20 -4.62
C ALA B 184 -18.93 19.71 -4.65
N SER B 185 -18.57 19.02 -5.74
CA SER B 185 -18.88 17.61 -5.90
C SER B 185 -17.65 16.72 -5.91
N HIS B 186 -16.43 17.30 -5.94
CA HIS B 186 -15.21 16.51 -5.91
C HIS B 186 -14.29 16.95 -4.78
N SER B 187 -13.48 17.99 -4.99
CA SER B 187 -12.45 18.35 -4.01
C SER B 187 -13.00 18.46 -2.59
N ILE B 188 -14.09 19.21 -2.42
CA ILE B 188 -14.56 19.50 -1.07
C ILE B 188 -15.10 18.22 -0.44
N PRO B 189 -15.94 17.44 -1.11
CA PRO B 189 -16.30 16.11 -0.52
C PRO B 189 -15.10 15.24 -0.17
N PHE B 190 -14.06 15.21 -1.01
CA PHE B 190 -12.85 14.48 -0.67
C PHE B 190 -12.29 14.96 0.67
N TYR B 191 -12.09 16.27 0.80
CA TYR B 191 -11.49 16.82 2.00
C TYR B 191 -12.34 16.52 3.24
N ASN B 192 -13.66 16.71 3.13
CA ASN B 192 -14.52 16.55 4.28
C ASN B 192 -14.56 15.11 4.77
N SER B 193 -14.29 14.15 3.90
CA SER B 193 -14.38 12.76 4.26
C SER B 193 -13.09 12.19 4.82
N LEU B 194 -11.98 12.91 4.67
CA LEU B 194 -10.72 12.49 5.24
C LEU B 194 -10.83 12.47 6.76
N PRO B 195 -10.17 11.53 7.42
CA PRO B 195 -10.29 11.41 8.86
C PRO B 195 -9.96 12.73 9.55
N SER B 196 -10.63 12.97 10.68
CA SER B 196 -10.42 14.23 11.39
C SER B 196 -9.06 14.26 12.07
N SER B 197 -8.49 13.11 12.41
CA SER B 197 -7.17 13.02 13.02
C SER B 197 -6.02 13.09 12.01
N LEU B 198 -6.32 13.19 10.73
CA LEU B 198 -5.30 13.21 9.68
C LEU B 198 -4.78 14.64 9.48
N ASP B 199 -3.46 14.75 9.33
CA ASP B 199 -2.88 16.02 8.85
C ASP B 199 -3.37 16.26 7.42
N LYS B 200 -4.11 17.35 7.24
CA LYS B 200 -4.74 17.57 5.94
C LYS B 200 -4.98 19.05 5.77
N ALA B 201 -5.17 19.45 4.52
CA ALA B 201 -5.51 20.83 4.19
C ALA B 201 -6.33 20.86 2.90
N TYR B 202 -7.15 21.91 2.78
CA TYR B 202 -7.86 22.23 1.55
C TYR B 202 -7.46 23.63 1.12
N LEU B 203 -6.96 23.75 -0.10
CA LEU B 203 -6.57 25.03 -0.70
C LEU B 203 -7.43 25.24 -1.94
N GLU B 204 -8.21 26.31 -1.95
CA GLU B 204 -9.09 26.64 -3.07
C GLU B 204 -8.54 27.89 -3.77
N LEU B 205 -8.22 27.73 -5.05
CA LEU B 205 -7.69 28.80 -5.87
C LEU B 205 -8.83 29.69 -6.37
N ARG B 206 -8.84 30.95 -5.95
CA ARG B 206 -9.94 31.85 -6.26
C ARG B 206 -10.08 32.01 -7.78
N GLY B 207 -11.31 31.90 -8.27
CA GLY B 207 -11.65 32.12 -9.66
C GLY B 207 -10.99 31.21 -10.68
N ALA B 208 -10.29 30.17 -10.21
CA ALA B 208 -9.45 29.38 -11.11
C ALA B 208 -10.26 28.34 -11.88
N SER B 209 -9.75 27.99 -13.06
CA SER B 209 -10.34 26.96 -13.90
C SER B 209 -9.72 25.60 -13.62
N HIS B 210 -10.32 24.59 -14.23
CA HIS B 210 -9.83 23.21 -14.11
C HIS B 210 -8.39 23.08 -14.59
N PHE B 211 -7.94 23.98 -15.46
CA PHE B 211 -6.63 23.86 -16.08
C PHE B 211 -5.57 24.74 -15.42
N ALA B 212 -5.90 25.39 -14.31
CA ALA B 212 -4.87 26.14 -13.59
C ALA B 212 -3.64 25.29 -13.27
N PRO B 213 -3.75 24.00 -12.92
CA PRO B 213 -2.53 23.24 -12.62
C PRO B 213 -1.71 22.88 -13.84
N ASN B 214 -2.12 23.22 -15.06
CA ASN B 214 -1.40 22.82 -16.26
C ASN B 214 -0.37 23.84 -16.71
N SER B 215 -0.31 25.00 -16.06
CA SER B 215 0.64 26.07 -16.36
C SER B 215 1.34 26.46 -15.09
N SER B 216 2.55 27.01 -15.23
CA SER B 216 3.29 27.52 -14.09
C SER B 216 2.41 28.41 -13.24
N ASN B 217 2.28 28.05 -11.97
CA ASN B 217 1.35 28.70 -11.05
C ASN B 217 2.02 28.78 -9.69
N THR B 218 2.42 29.99 -9.30
CA THR B 218 3.18 30.14 -8.06
C THR B 218 2.36 29.78 -6.83
N THR B 219 1.05 29.99 -6.85
CA THR B 219 0.24 29.62 -5.69
C THR B 219 0.25 28.10 -5.48
N ILE B 220 -0.01 27.34 -6.54
CA ILE B 220 0.07 25.89 -6.45
C ILE B 220 1.48 25.47 -6.01
N ALA B 221 2.51 26.04 -6.63
CA ALA B 221 3.86 25.58 -6.40
C ALA B 221 4.25 25.75 -4.94
N LYS B 222 3.99 26.93 -4.39
CA LYS B 222 4.50 27.21 -3.04
C LYS B 222 3.86 26.29 -1.99
N TYR B 223 2.58 25.99 -2.13
CA TYR B 223 1.91 25.16 -1.12
C TYR B 223 2.12 23.69 -1.39
N THR B 224 2.26 23.29 -2.65
CA THR B 224 2.65 21.92 -2.95
C THR B 224 4.03 21.63 -2.39
N LEU B 225 4.98 22.53 -2.65
CA LEU B 225 6.33 22.35 -2.12
C LEU B 225 6.35 22.29 -0.61
N SER B 226 5.64 23.21 0.03
CA SER B 226 5.65 23.26 1.48
C SER B 226 5.05 21.98 2.06
N TRP B 227 3.97 21.48 1.47
CA TRP B 227 3.36 20.24 1.92
C TRP B 227 4.32 19.08 1.74
N LEU B 228 4.93 18.96 0.54
CA LEU B 228 5.86 17.87 0.32
C LEU B 228 7.04 17.95 1.29
N LYS B 229 7.59 19.15 1.49
CA LYS B 229 8.69 19.31 2.46
C LYS B 229 8.24 18.88 3.87
N ARG B 230 7.08 19.35 4.29
CA ARG B 230 6.65 19.12 5.67
C ARG B 230 6.44 17.64 5.96
N PHE B 231 5.95 16.86 4.99
CA PHE B 231 5.56 15.48 5.27
C PHE B 231 6.48 14.43 4.65
N ILE B 232 7.05 14.67 3.47
CA ILE B 232 8.03 13.71 2.95
C ILE B 232 9.34 13.81 3.71
N ASP B 233 9.75 15.02 4.05
CA ASP B 233 10.99 15.25 4.78
C ASP B 233 10.77 15.53 6.27
N ASN B 234 9.52 15.53 6.74
CA ASN B 234 9.25 15.87 8.14
C ASN B 234 9.89 17.21 8.50
N ASP B 235 9.96 18.11 7.52
CA ASP B 235 10.78 19.31 7.61
C ASP B 235 9.94 20.42 8.25
N THR B 236 10.15 20.62 9.55
CA THR B 236 9.39 21.62 10.29
C THR B 236 9.76 23.06 9.91
N ARG B 237 10.83 23.25 9.12
CA ARG B 237 11.14 24.60 8.63
C ARG B 237 10.07 25.08 7.65
N TYR B 238 9.26 24.18 7.10
CA TYR B 238 8.18 24.54 6.20
C TYR B 238 6.82 24.55 6.89
N GLU B 239 6.77 24.17 8.16
CA GLU B 239 5.52 24.28 8.92
C GLU B 239 5.01 25.71 8.93
N GLN B 240 5.91 26.70 9.01
CA GLN B 240 5.50 28.08 9.14
C GLN B 240 4.70 28.59 7.95
N PHE B 241 4.79 27.94 6.79
CA PHE B 241 4.01 28.37 5.64
C PHE B 241 2.63 27.75 5.60
N LEU B 242 2.38 26.75 6.46
CA LEU B 242 1.14 25.99 6.47
C LEU B 242 0.32 26.21 7.73
N CYS B 243 0.96 26.63 8.82
CA CYS B 243 0.34 26.79 10.12
C CYS B 243 0.97 28.03 10.72
N PRO B 244 0.16 29.00 11.19
CA PRO B 244 -1.31 29.02 11.12
C PRO B 244 -1.75 29.03 9.68
N ILE B 245 -2.97 28.57 9.41
CA ILE B 245 -3.40 28.42 8.02
C ILE B 245 -3.39 29.79 7.34
N PRO B 246 -3.14 29.83 6.04
CA PRO B 246 -3.20 31.10 5.32
C PRO B 246 -4.58 31.73 5.36
N SER B 247 -4.59 33.05 5.36
CA SER B 247 -5.83 33.79 5.19
C SER B 247 -6.29 33.71 3.75
N THR B 248 -7.58 33.94 3.55
CA THR B 248 -8.09 34.10 2.19
C THR B 248 -7.50 35.39 1.62
N SER B 249 -7.41 35.44 0.30
CA SER B 249 -6.76 36.55 -0.38
C SER B 249 -7.23 36.57 -1.82
N LEU B 250 -6.61 37.42 -2.65
CA LEU B 250 -6.95 37.41 -4.06
C LEU B 250 -6.68 36.03 -4.67
N SER B 251 -5.66 35.33 -4.20
CA SER B 251 -5.30 34.04 -4.78
C SER B 251 -6.08 32.87 -4.17
N ILE B 252 -6.49 32.97 -2.91
CA ILE B 252 -7.07 31.85 -2.17
C ILE B 252 -8.46 32.22 -1.70
N SER B 253 -9.45 31.51 -2.21
CA SER B 253 -10.85 31.77 -1.82
C SER B 253 -11.28 30.98 -0.60
N ASP B 254 -10.51 29.97 -0.22
CA ASP B 254 -10.85 29.15 0.94
C ASP B 254 -9.61 28.36 1.32
N TYR B 255 -9.34 28.27 2.60
CA TYR B 255 -8.30 27.37 3.11
C TYR B 255 -8.81 26.71 4.39
N ARG B 256 -8.65 25.40 4.46
CA ARG B 256 -9.04 24.64 5.63
C ARG B 256 -7.87 23.77 6.02
N GLY B 257 -7.71 23.51 7.30
CA GLY B 257 -6.57 22.69 7.74
C GLY B 257 -6.48 22.54 9.23
N ASN B 258 -5.82 21.49 9.70
CA ASN B 258 -5.54 21.31 11.13
C ASN B 258 -4.18 21.93 11.43
N CYS B 259 -4.03 22.58 12.57
CA CYS B 259 -2.76 23.18 12.96
C CYS B 259 -2.57 23.01 14.48
N PRO B 260 -1.38 22.74 15.06
CA PRO B 260 -0.12 22.42 14.38
C PRO B 260 -0.19 21.00 13.82
N HIS B 261 0.71 20.65 12.91
CA HIS B 261 0.78 19.28 12.36
C HIS B 261 1.45 18.36 13.40
N ASN B 262 1.10 17.08 13.36
CA ASN B 262 1.55 16.01 14.31
C ASN B 262 1.15 16.43 15.73
N GLY B 263 -0.14 16.67 15.95
CA GLY B 263 -0.72 17.03 17.26
C GLY B 263 -0.74 18.53 17.50
N UNK B 272 -6.39 21.06 16.13
CA UNK B 272 -7.15 22.29 15.89
C UNK B 272 -7.48 22.49 14.43
N HIS B 273 -8.70 22.14 14.01
CA HIS B 273 -9.17 22.32 12.61
C HIS B 273 -9.65 23.77 12.42
N HIS B 274 -9.00 24.55 11.56
CA HIS B 274 -9.38 25.93 11.24
C HIS B 274 -9.88 25.98 9.79
N HIS B 275 -10.56 27.07 9.45
CA HIS B 275 -11.20 27.28 8.13
C HIS B 275 -11.15 28.79 7.93
N HIS B 276 -10.69 29.26 6.78
CA HIS B 276 -10.63 30.70 6.46
C HIS B 276 -11.47 30.86 5.19
N HIS B 277 -12.61 31.53 5.22
CA HIS B 277 -13.44 31.75 4.01
C HIS B 277 -13.61 33.25 3.75
N1 EPE C . -10.53 -20.08 -13.26
C2 EPE C . -11.87 -19.59 -13.25
C3 EPE C . -12.41 -19.66 -14.70
N4 EPE C . -11.62 -19.01 -15.79
C5 EPE C . -10.20 -19.28 -15.58
C6 EPE C . -9.87 -19.08 -14.10
C7 EPE C . -12.07 -19.51 -17.10
C8 EPE C . -11.95 -18.64 -18.38
O8 EPE C . -12.55 -17.37 -18.32
C9 EPE C . -9.81 -20.33 -11.99
C10 EPE C . -10.50 -19.73 -10.82
S EPE C . -9.92 -20.17 -9.30
O1S EPE C . -8.64 -20.46 -9.31
O2S EPE C . -10.67 -21.18 -8.87
O3S EPE C . -10.21 -19.03 -8.56
H21 EPE C . -11.89 -18.56 -12.89
H22 EPE C . -12.49 -20.20 -12.59
H31 EPE C . -13.41 -19.22 -14.70
H32 EPE C . -12.53 -20.71 -14.95
H51 EPE C . -9.59 -18.60 -16.19
H52 EPE C . -9.97 -20.30 -15.88
H61 EPE C . -10.20 -18.08 -13.87
H62 EPE C . -8.79 -19.12 -13.95
H71 EPE C . -13.13 -19.79 -17.00
H72 EPE C . -11.54 -20.44 -17.30
H81 EPE C . -12.39 -19.19 -19.21
H82 EPE C . -10.90 -18.51 -18.61
HO8 EPE C . -12.98 -17.25 -17.46
H91 EPE C . -9.72 -21.41 -11.84
H92 EPE C . -8.80 -19.92 -12.06
H101 EPE C . -10.53 -18.67 -10.93
H102 EPE C . -11.54 -20.06 -10.86
C1 EDO D . 16.99 -33.01 -3.37
O1 EDO D . 15.89 -32.97 -2.45
C2 EDO D . 18.27 -32.58 -2.67
O2 EDO D . 18.31 -31.16 -2.59
H11 EDO D . 17.11 -34.03 -3.76
H12 EDO D . 16.78 -32.35 -4.22
HO1 EDO D . 15.09 -33.30 -2.86
H21 EDO D . 19.14 -32.94 -3.22
H22 EDO D . 18.30 -33.01 -1.67
HO2 EDO D . 19.12 -30.89 -2.12
C1 EDO E . -17.71 -23.93 0.79
O1 EDO E . -17.06 -24.15 -0.45
C2 EDO E . -17.86 -25.13 1.63
O2 EDO E . -16.81 -25.50 2.45
H11 EDO E . -18.60 -23.55 0.62
H12 EDO E . -17.21 -23.27 1.29
HO1 EDO E . -16.96 -23.44 -0.85
H21 EDO E . -18.06 -25.88 1.03
H22 EDO E . -18.65 -24.99 2.20
HO2 EDO E . -16.33 -24.83 2.61
C1 EDO F . -8.23 -22.87 23.62
O1 EDO F . -8.08 -22.65 22.20
C2 EDO F . -7.01 -23.12 24.31
O2 EDO F . -6.24 -24.15 23.73
H11 EDO F . -8.82 -23.63 23.76
H12 EDO F . -8.65 -22.08 24.01
HO1 EDO F . -8.81 -22.82 21.81
H21 EDO F . -7.22 -23.36 25.24
H22 EDO F . -6.47 -22.29 24.33
HO2 EDO F . -6.01 -24.70 24.33
C1 EDO G . 0.86 -1.33 -7.33
O1 EDO G . 0.20 -2.59 -7.46
C2 EDO G . 1.60 -0.99 -8.62
O2 EDO G . 2.35 -2.10 -9.05
H11 EDO G . 1.57 -1.38 -6.50
H12 EDO G . 0.13 -0.55 -7.10
HO1 EDO G . -0.26 -2.79 -6.63
H21 EDO G . 2.26 -0.14 -8.44
H22 EDO G . 0.88 -0.71 -9.39
HO2 EDO G . 2.78 -1.88 -9.89
CL CL H . 6.60 -32.40 19.62
CL CL I . 9.35 -33.70 13.92
CL CL J . -16.97 -5.51 13.87
CL CL K . 2.02 0.54 2.44
CL CL L . 3.48 -11.10 -16.42
CL CL M . -7.48 -29.84 -9.43
CL CL N . 6.39 -33.67 6.46
MG MG O . 8.13 -8.23 10.49
C1 EDO P . -7.19 -0.06 -0.60
O1 EDO P . -7.50 0.76 -1.75
C2 EDO P . -8.46 -0.68 -0.06
O2 EDO P . -9.44 0.31 0.17
H11 EDO P . -6.73 0.56 0.18
H12 EDO P . -6.48 -0.83 -0.87
HO1 EDO P . -6.68 1.07 -2.15
H21 EDO P . -8.24 -1.21 0.87
H22 EDO P . -8.84 -1.41 -0.78
HO2 EDO P . -10.27 -0.11 0.40
N1 EPE Q . -14.28 14.12 -17.29
C2 EPE Q . -13.74 13.17 -18.23
C3 EPE Q . -14.82 12.68 -19.19
N4 EPE Q . -16.04 12.17 -18.54
C5 EPE Q . -16.51 13.25 -17.73
C6 EPE Q . -15.42 13.47 -16.69
C7 EPE Q . -16.94 11.67 -19.61
C8 EPE Q . -18.39 12.17 -19.64
O8 EPE Q . -19.30 11.18 -19.10
C9 EPE Q . -13.27 14.57 -16.26
C10 EPE Q . -11.88 14.29 -16.70
S EPE Q . -10.71 15.12 -15.85
O1S EPE Q . -9.66 14.21 -15.78
O2S EPE Q . -10.24 16.17 -16.66
O3S EPE Q . -11.13 15.66 -14.66
H21 EPE Q . -13.31 12.32 -17.73
H22 EPE Q . -12.95 13.64 -18.81
H31 EPE Q . -14.40 11.87 -19.81
H32 EPE Q . -15.09 13.49 -19.86
H51 EPE Q . -17.45 12.98 -17.24
H52 EPE Q . -16.66 14.15 -18.33
H61 EPE Q . -15.11 12.51 -16.28
H62 EPE Q . -15.80 14.08 -15.89
H71 EPE Q . -16.96 10.58 -19.55
H72 EPE Q . -16.48 11.91 -20.58
H81 EPE Q . -18.66 12.35 -20.68
H82 EPE Q . -18.51 13.10 -19.10
HO8 EPE Q . -18.80 10.47 -18.69
H91 EPE Q . -13.39 15.63 -16.07
H92 EPE Q . -13.46 14.04 -15.32
H101 EPE Q . -11.68 13.22 -16.63
H102 EPE Q . -11.80 14.55 -17.76
CL CL R . 10.32 35.79 4.11
CL CL S . -13.12 24.81 -15.86
CL CL T . 15.81 5.03 -15.51
MG MG U . 6.67 11.99 7.15
#